data_5Q16
#
_entry.id   5Q16
#
_cell.length_a   71.949
_cell.length_b   84.566
_cell.length_c   190.701
_cell.angle_alpha   90.000
_cell.angle_beta   90.000
_cell.angle_gamma   90.000
#
_symmetry.space_group_name_H-M   'C 2 2 21'
#
loop_
_entity.id
_entity.type
_entity.pdbx_description
1 polymer 'Bile acid receptor'
2 polymer 'COACTIVATOR PEPTIDE SRC-1 HD3'
3 non-polymer (2S)-2-{2-[(4-chloro-2-methylphenoxy)methyl]-6-fluoro-1H-benzimidazol-1-yl}-N,2-dicyclohexylacetamide
4 water water
#
loop_
_entity_poly.entity_id
_entity_poly.type
_entity_poly.pdbx_seq_one_letter_code
_entity_poly.pdbx_strand_id
1 'polypeptide(L)'
;GSHMELTPDQQTLLHFIMDSYNKQRMPQEITNKILKEAFSAEENFLILTEMATNHVQVLVEFTKKLPGFQTLDHEDQIAL
LKGSAVEAMFLRSAEIFNKKLPSGHSDLLEARIRNSGISDEYITPMFSFYKSIGELKMTQEEYALLTAIVILSPDRQYIK
DREAVEKLQEPLLDVLQKLCKIHQPENPQHFACLLGRLTELRTFNHHHAEMLMSWRVNDHKFTPLLCEIWDVQ
;
A,C
2 'polypeptide(L)' KDHQLLRYLLDKDE B,D
#
loop_
_chem_comp.id
_chem_comp.type
_chem_comp.name
_chem_comp.formula
9MS non-polymer (2S)-2-{2-[(4-chloro-2-methylphenoxy)methyl]-6-fluoro-1H-benzimidazol-1-yl}-N,2-dicyclohexylacetamide 'C29 H35 Cl F N3 O2'
#
# COMPACT_ATOMS: atom_id res chain seq x y z
N MET A 4 -39.12 14.86 -27.18
CA MET A 4 -37.95 14.53 -26.37
C MET A 4 -37.49 13.07 -26.57
N GLU A 5 -38.43 12.18 -26.95
CA GLU A 5 -38.23 10.75 -27.19
C GLU A 5 -37.41 10.50 -28.44
N LEU A 6 -36.70 9.35 -28.49
CA LEU A 6 -35.89 8.95 -29.63
C LEU A 6 -36.80 8.55 -30.79
N THR A 7 -36.37 8.86 -32.03
CA THR A 7 -37.09 8.50 -33.25
C THR A 7 -36.72 7.04 -33.61
N PRO A 8 -37.45 6.34 -34.52
CA PRO A 8 -37.04 4.96 -34.88
C PRO A 8 -35.61 4.88 -35.40
N ASP A 9 -35.14 5.91 -36.14
CA ASP A 9 -33.79 6.00 -36.69
C ASP A 9 -32.74 6.12 -35.59
N GLN A 10 -33.02 6.93 -34.54
CA GLN A 10 -32.13 7.13 -33.41
C GLN A 10 -32.02 5.89 -32.53
N GLN A 11 -33.14 5.15 -32.37
CA GLN A 11 -33.19 3.89 -31.62
C GLN A 11 -32.34 2.84 -32.36
N THR A 12 -32.42 2.83 -33.71
CA THR A 12 -31.66 1.96 -34.60
C THR A 12 -30.18 2.28 -34.45
N LEU A 13 -29.83 3.58 -34.48
CA LEU A 13 -28.45 4.06 -34.32
C LEU A 13 -27.90 3.66 -32.94
N LEU A 14 -28.69 3.89 -31.88
CA LEU A 14 -28.30 3.55 -30.50
C LEU A 14 -28.00 2.06 -30.31
N HIS A 15 -28.89 1.15 -30.77
CA HIS A 15 -28.66 -0.29 -30.64
C HIS A 15 -27.46 -0.76 -31.45
N PHE A 16 -27.22 -0.13 -32.63
CA PHE A 16 -26.08 -0.44 -33.48
C PHE A 16 -24.74 -0.08 -32.81
N ILE A 17 -24.71 1.08 -32.12
CA ILE A 17 -23.53 1.56 -31.39
C ILE A 17 -23.27 0.64 -30.19
N MET A 18 -24.36 0.24 -29.50
CA MET A 18 -24.34 -0.64 -28.34
C MET A 18 -23.78 -2.02 -28.63
N ASP A 19 -24.20 -2.63 -29.75
CA ASP A 19 -23.74 -3.94 -30.22
C ASP A 19 -22.24 -3.90 -30.51
N SER A 20 -21.74 -2.80 -31.11
CA SER A 20 -20.33 -2.61 -31.42
C SER A 20 -19.51 -2.37 -30.15
N TYR A 21 -20.04 -1.52 -29.24
CA TYR A 21 -19.39 -1.19 -27.96
C TYR A 21 -19.21 -2.40 -27.04
N ASN A 22 -20.20 -3.31 -27.04
CA ASN A 22 -20.22 -4.52 -26.20
C ASN A 22 -19.21 -5.59 -26.64
N LYS A 23 -18.59 -5.44 -27.83
CA LYS A 23 -17.57 -6.36 -28.32
C LYS A 23 -16.23 -6.21 -27.58
N GLN A 24 -16.14 -5.24 -26.66
CA GLN A 24 -14.98 -4.97 -25.81
C GLN A 24 -14.83 -6.06 -24.73
N ARG A 25 -13.61 -6.20 -24.18
CA ARG A 25 -13.29 -7.13 -23.10
C ARG A 25 -14.19 -6.78 -21.90
N MET A 26 -14.88 -7.77 -21.33
CA MET A 26 -15.79 -7.58 -20.20
C MET A 26 -15.12 -6.95 -18.98
N PRO A 27 -15.75 -5.95 -18.34
CA PRO A 27 -15.13 -5.30 -17.16
C PRO A 27 -14.79 -6.26 -16.03
N GLN A 28 -15.70 -7.24 -15.76
CA GLN A 28 -15.54 -8.27 -14.74
C GLN A 28 -14.27 -9.07 -14.96
N GLU A 29 -13.95 -9.40 -16.23
CA GLU A 29 -12.75 -10.13 -16.63
C GLU A 29 -11.47 -9.36 -16.21
N ILE A 30 -11.48 -8.02 -16.39
CA ILE A 30 -10.38 -7.12 -16.05
C ILE A 30 -10.25 -6.98 -14.52
N THR A 31 -11.36 -6.68 -13.82
CA THR A 31 -11.37 -6.50 -12.36
C THR A 31 -11.03 -7.80 -11.62
N ASN A 32 -11.47 -8.98 -12.15
CA ASN A 32 -11.19 -10.29 -11.54
C ASN A 32 -9.68 -10.55 -11.42
N LYS A 33 -8.91 -10.18 -12.46
CA LYS A 33 -7.45 -10.38 -12.51
C LYS A 33 -6.71 -9.47 -11.52
N ILE A 34 -7.12 -8.19 -11.42
CA ILE A 34 -6.52 -7.20 -10.52
C ILE A 34 -6.87 -7.49 -9.05
N LEU A 35 -8.07 -8.04 -8.78
CA LEU A 35 -8.53 -8.36 -7.42
C LEU A 35 -8.03 -9.70 -6.86
N LYS A 36 -7.80 -10.70 -7.73
CA LYS A 36 -7.35 -12.05 -7.36
C LYS A 36 -5.98 -12.07 -6.70
N GLU A 37 -4.96 -11.53 -7.38
CA GLU A 37 -3.57 -11.55 -6.89
C GLU A 37 -2.97 -10.15 -6.93
N ALA A 38 -2.07 -9.86 -5.99
CA ALA A 38 -1.33 -8.60 -5.96
C ALA A 38 -0.07 -8.83 -6.79
N PHE A 39 0.13 -8.00 -7.81
CA PHE A 39 1.29 -8.14 -8.70
C PHE A 39 2.33 -7.07 -8.45
N SER A 40 3.57 -7.34 -8.91
CA SER A 40 4.68 -6.40 -8.82
C SER A 40 4.49 -5.32 -9.90
N ALA A 41 5.20 -4.18 -9.77
CA ALA A 41 5.14 -3.07 -10.72
C ALA A 41 5.51 -3.53 -12.14
N GLU A 42 6.45 -4.49 -12.25
CA GLU A 42 6.91 -5.09 -13.49
C GLU A 42 5.81 -5.92 -14.16
N GLU A 43 5.11 -6.76 -13.36
CA GLU A 43 4.01 -7.60 -13.84
C GLU A 43 2.82 -6.71 -14.24
N ASN A 44 2.55 -5.68 -13.44
CA ASN A 44 1.45 -4.74 -13.67
C ASN A 44 1.65 -3.89 -14.91
N PHE A 45 2.92 -3.57 -15.27
CA PHE A 45 3.21 -2.82 -16.50
C PHE A 45 2.86 -3.67 -17.73
N LEU A 46 3.23 -4.96 -17.68
CA LEU A 46 2.98 -5.97 -18.70
C LEU A 46 1.47 -6.18 -18.90
N ILE A 47 0.70 -6.20 -17.78
CA ILE A 47 -0.76 -6.33 -17.76
C ILE A 47 -1.36 -5.15 -18.52
N LEU A 48 -0.92 -3.90 -18.18
CA LEU A 48 -1.37 -2.68 -18.83
C LEU A 48 -1.12 -2.69 -20.34
N THR A 49 0.11 -3.08 -20.77
CA THR A 49 0.53 -3.14 -22.17
C THR A 49 -0.39 -4.09 -22.97
N GLU A 50 -0.68 -5.28 -22.42
CA GLU A 50 -1.57 -6.26 -23.05
C GLU A 50 -3.02 -5.74 -23.07
N MET A 51 -3.48 -5.16 -21.94
CA MET A 51 -4.83 -4.58 -21.82
C MET A 51 -5.05 -3.46 -22.84
N ALA A 52 -4.05 -2.57 -23.00
CA ALA A 52 -4.11 -1.43 -23.91
C ALA A 52 -4.05 -1.84 -25.38
N THR A 53 -3.27 -2.89 -25.71
CA THR A 53 -3.14 -3.42 -27.09
C THR A 53 -4.51 -3.94 -27.55
N ASN A 54 -5.19 -4.75 -26.71
CA ASN A 54 -6.52 -5.28 -27.01
C ASN A 54 -7.53 -4.14 -27.14
N HIS A 55 -7.48 -3.16 -26.20
CA HIS A 55 -8.36 -1.99 -26.24
C HIS A 55 -8.27 -1.25 -27.57
N VAL A 56 -7.04 -0.94 -28.04
CA VAL A 56 -6.81 -0.22 -29.31
C VAL A 56 -7.39 -1.02 -30.49
N GLN A 57 -7.11 -2.34 -30.53
CA GLN A 57 -7.61 -3.24 -31.58
C GLN A 57 -9.11 -3.24 -31.66
N VAL A 58 -9.80 -3.33 -30.51
CA VAL A 58 -11.26 -3.32 -30.44
C VAL A 58 -11.79 -1.92 -30.76
N LEU A 59 -11.06 -0.85 -30.33
CA LEU A 59 -11.42 0.54 -30.61
C LEU A 59 -11.42 0.84 -32.12
N VAL A 60 -10.43 0.31 -32.85
CA VAL A 60 -10.33 0.48 -34.31
C VAL A 60 -11.57 -0.15 -34.98
N GLU A 61 -11.95 -1.38 -34.53
CA GLU A 61 -13.13 -2.08 -35.04
C GLU A 61 -14.43 -1.34 -34.72
N PHE A 62 -14.52 -0.72 -33.52
CA PHE A 62 -15.69 0.08 -33.11
C PHE A 62 -15.76 1.37 -33.95
N THR A 63 -14.61 2.02 -34.16
CA THR A 63 -14.48 3.26 -34.93
C THR A 63 -14.90 3.06 -36.40
N LYS A 64 -14.48 1.95 -37.02
CA LYS A 64 -14.79 1.56 -38.40
C LYS A 64 -16.29 1.39 -38.64
N LYS A 65 -17.03 0.94 -37.61
CA LYS A 65 -18.48 0.72 -37.66
C LYS A 65 -19.31 1.97 -37.38
N LEU A 66 -18.68 3.05 -36.88
CA LEU A 66 -19.39 4.31 -36.61
C LEU A 66 -19.96 4.83 -37.93
N PRO A 67 -21.27 5.17 -37.98
CA PRO A 67 -21.89 5.63 -39.25
C PRO A 67 -21.19 6.80 -39.91
N GLY A 68 -20.77 6.57 -41.15
CA GLY A 68 -20.10 7.53 -41.99
C GLY A 68 -18.59 7.60 -41.85
N PHE A 69 -18.00 6.89 -40.85
CA PHE A 69 -16.55 6.92 -40.62
C PHE A 69 -15.74 6.49 -41.85
N GLN A 70 -16.22 5.46 -42.57
CA GLN A 70 -15.56 4.92 -43.77
C GLN A 70 -15.62 5.87 -44.97
N THR A 71 -16.55 6.84 -44.97
CA THR A 71 -16.69 7.83 -46.05
C THR A 71 -15.71 9.00 -45.91
N LEU A 72 -15.08 9.14 -44.72
CA LEU A 72 -14.10 10.19 -44.43
C LEU A 72 -12.78 9.94 -45.15
N ASP A 73 -11.98 11.02 -45.32
CA ASP A 73 -10.65 10.97 -45.93
C ASP A 73 -9.78 10.07 -45.05
N HIS A 74 -9.01 9.16 -45.68
CA HIS A 74 -8.16 8.18 -45.00
C HIS A 74 -7.14 8.82 -44.06
N GLU A 75 -6.59 10.00 -44.40
CA GLU A 75 -5.64 10.71 -43.55
C GLU A 75 -6.32 11.23 -42.28
N ASP A 76 -7.58 11.70 -42.41
CA ASP A 76 -8.38 12.19 -41.29
C ASP A 76 -8.83 11.06 -40.37
N GLN A 77 -9.03 9.85 -40.93
CA GLN A 77 -9.42 8.63 -40.20
C GLN A 77 -8.36 8.27 -39.15
N ILE A 78 -7.07 8.35 -39.54
CA ILE A 78 -5.90 8.08 -38.69
C ILE A 78 -5.80 9.16 -37.63
N ALA A 79 -5.97 10.45 -38.02
CA ALA A 79 -5.92 11.60 -37.12
C ALA A 79 -6.97 11.49 -36.00
N LEU A 80 -8.20 11.01 -36.34
CA LEU A 80 -9.28 10.80 -35.39
C LEU A 80 -8.95 9.65 -34.42
N LEU A 81 -8.46 8.52 -34.95
CA LEU A 81 -8.08 7.35 -34.14
C LEU A 81 -6.91 7.66 -33.20
N LYS A 82 -5.85 8.32 -33.71
CA LYS A 82 -4.66 8.66 -32.94
C LYS A 82 -4.96 9.71 -31.84
N GLY A 83 -5.83 10.68 -32.16
CA GLY A 83 -6.21 11.74 -31.25
C GLY A 83 -7.21 11.34 -30.17
N SER A 84 -7.90 10.20 -30.34
CA SER A 84 -8.91 9.71 -29.40
C SER A 84 -8.55 8.45 -28.61
N ALA A 85 -7.55 7.66 -29.06
CA ALA A 85 -7.18 6.39 -28.43
C ALA A 85 -6.95 6.45 -26.92
N VAL A 86 -6.16 7.45 -26.44
CA VAL A 86 -5.83 7.65 -25.01
C VAL A 86 -7.09 8.02 -24.21
N GLU A 87 -7.88 8.99 -24.71
CA GLU A 87 -9.12 9.45 -24.08
C GLU A 87 -10.14 8.32 -23.95
N ALA A 88 -10.28 7.49 -25.01
CA ALA A 88 -11.18 6.33 -25.01
C ALA A 88 -10.75 5.31 -23.95
N MET A 89 -9.42 5.10 -23.81
CA MET A 89 -8.83 4.18 -22.83
CA MET A 89 -8.84 4.18 -22.83
C MET A 89 -9.18 4.63 -21.41
N PHE A 90 -9.02 5.93 -21.12
CA PHE A 90 -9.33 6.51 -19.81
C PHE A 90 -10.83 6.51 -19.52
N LEU A 91 -11.68 6.73 -20.54
CA LEU A 91 -13.14 6.70 -20.37
C LEU A 91 -13.59 5.27 -20.05
N ARG A 92 -12.99 4.28 -20.74
CA ARG A 92 -13.28 2.85 -20.52
C ARG A 92 -12.78 2.41 -19.14
N SER A 93 -11.61 2.90 -18.71
CA SER A 93 -11.04 2.62 -17.39
C SER A 93 -11.95 3.17 -16.29
N ALA A 94 -12.53 4.36 -16.54
CA ALA A 94 -13.46 5.03 -15.62
C ALA A 94 -14.75 4.23 -15.48
N GLU A 95 -15.27 3.69 -16.60
CA GLU A 95 -16.47 2.85 -16.64
C GLU A 95 -16.24 1.58 -15.82
N ILE A 96 -15.11 0.87 -16.05
CA ILE A 96 -14.76 -0.36 -15.34
C ILE A 96 -14.67 -0.11 -13.81
N PHE A 97 -13.98 0.97 -13.42
CA PHE A 97 -13.79 1.38 -12.01
C PHE A 97 -15.10 1.67 -11.28
N ASN A 98 -16.10 2.22 -11.98
CA ASN A 98 -17.38 2.57 -11.37
C ASN A 98 -18.46 1.50 -11.46
N LYS A 99 -18.11 0.31 -12.02
CA LYS A 99 -19.06 -0.80 -12.11
C LYS A 99 -19.21 -1.43 -10.73
N LYS A 100 -20.47 -1.70 -10.32
CA LYS A 100 -20.79 -2.27 -9.00
C LYS A 100 -20.13 -3.62 -8.74
N LEU A 101 -19.43 -3.70 -7.61
CA LEU A 101 -18.71 -4.89 -7.15
C LEU A 101 -19.18 -5.22 -5.73
N PRO A 102 -19.06 -6.49 -5.24
CA PRO A 102 -19.43 -6.80 -3.84
C PRO A 102 -18.68 -5.96 -2.82
N SER A 103 -19.31 -5.75 -1.64
CA SER A 103 -18.82 -4.93 -0.52
C SER A 103 -17.32 -5.11 -0.25
N GLY A 104 -16.59 -4.00 -0.33
CA GLY A 104 -15.15 -3.95 -0.09
C GLY A 104 -14.26 -4.13 -1.30
N HIS A 105 -14.74 -4.80 -2.38
CA HIS A 105 -13.97 -5.06 -3.61
C HIS A 105 -13.51 -3.78 -4.33
N SER A 106 -14.35 -2.72 -4.35
CA SER A 106 -14.00 -1.45 -5.00
C SER A 106 -12.87 -0.72 -4.25
N ASP A 107 -12.81 -0.90 -2.92
CA ASP A 107 -11.77 -0.32 -2.06
C ASP A 107 -10.43 -1.00 -2.36
N LEU A 108 -10.46 -2.35 -2.56
CA LEU A 108 -9.28 -3.14 -2.90
C LEU A 108 -8.79 -2.84 -4.31
N LEU A 109 -9.73 -2.64 -5.26
CA LEU A 109 -9.43 -2.30 -6.65
C LEU A 109 -8.63 -0.98 -6.70
N GLU A 110 -9.12 0.05 -5.98
CA GLU A 110 -8.47 1.36 -5.87
C GLU A 110 -7.06 1.24 -5.28
N ALA A 111 -6.91 0.46 -4.19
CA ALA A 111 -5.63 0.21 -3.52
C ALA A 111 -4.65 -0.49 -4.45
N ARG A 112 -5.13 -1.49 -5.22
CA ARG A 112 -4.32 -2.24 -6.19
C ARG A 112 -3.82 -1.35 -7.33
N ILE A 113 -4.65 -0.39 -7.80
CA ILE A 113 -4.27 0.56 -8.84
C ILE A 113 -3.27 1.60 -8.28
N ARG A 114 -3.44 2.02 -7.00
CA ARG A 114 -2.53 2.97 -6.34
CA ARG A 114 -2.53 2.97 -6.35
C ARG A 114 -1.12 2.39 -6.23
N ASN A 115 -1.01 1.06 -6.01
CA ASN A 115 0.25 0.34 -5.86
C ASN A 115 0.71 -0.40 -7.13
N SER A 116 0.18 -0.02 -8.29
CA SER A 116 0.49 -0.68 -9.57
C SER A 116 1.90 -0.39 -10.11
N GLY A 117 2.44 0.78 -9.80
CA GLY A 117 3.74 1.22 -10.28
C GLY A 117 3.77 2.66 -10.77
N ILE A 118 2.58 3.25 -11.04
CA ILE A 118 2.45 4.65 -11.50
C ILE A 118 2.91 5.62 -10.40
N SER A 119 3.46 6.80 -10.78
CA SER A 119 3.85 7.84 -9.81
C SER A 119 2.61 8.41 -9.13
N ASP A 120 2.73 8.78 -7.83
CA ASP A 120 1.67 9.36 -6.99
C ASP A 120 1.03 10.58 -7.65
N GLU A 121 1.86 11.40 -8.32
CA GLU A 121 1.58 12.62 -9.07
C GLU A 121 0.45 12.43 -10.10
N TYR A 122 0.41 11.23 -10.70
CA TYR A 122 -0.53 10.88 -11.76
C TYR A 122 -1.74 10.09 -11.29
N ILE A 123 -1.61 9.41 -10.14
CA ILE A 123 -2.66 8.60 -9.51
C ILE A 123 -3.82 9.48 -9.03
N THR A 124 -3.52 10.60 -8.33
CA THR A 124 -4.49 11.56 -7.78
C THR A 124 -5.44 12.14 -8.88
N PRO A 125 -4.96 12.78 -10.00
CA PRO A 125 -5.92 13.28 -11.00
C PRO A 125 -6.70 12.18 -11.74
N MET A 126 -6.13 10.96 -11.81
CA MET A 126 -6.77 9.80 -12.45
C MET A 126 -8.00 9.37 -11.64
N PHE A 127 -7.86 9.24 -10.29
CA PHE A 127 -8.97 8.86 -9.41
C PHE A 127 -9.99 9.98 -9.25
N SER A 128 -9.54 11.25 -9.39
CA SER A 128 -10.40 12.44 -9.34
C SER A 128 -11.37 12.39 -10.52
N PHE A 129 -10.87 11.95 -11.69
CA PHE A 129 -11.66 11.79 -12.91
C PHE A 129 -12.64 10.61 -12.79
N TYR A 130 -12.15 9.45 -12.28
CA TYR A 130 -12.97 8.24 -12.11
C TYR A 130 -14.15 8.49 -11.16
N LYS A 131 -13.90 9.16 -10.01
CA LYS A 131 -14.93 9.48 -9.03
C LYS A 131 -15.98 10.46 -9.57
N SER A 132 -15.53 11.50 -10.33
CA SER A 132 -16.40 12.50 -10.95
C SER A 132 -17.28 11.88 -12.05
N ILE A 133 -16.73 10.92 -12.82
CA ILE A 133 -17.45 10.15 -13.84
C ILE A 133 -18.48 9.27 -13.12
N GLY A 134 -18.07 8.69 -11.99
CA GLY A 134 -18.90 7.83 -11.14
C GLY A 134 -20.08 8.54 -10.51
N GLU A 135 -19.89 9.81 -10.10
CA GLU A 135 -20.94 10.64 -9.49
C GLU A 135 -22.01 11.03 -10.51
N LEU A 136 -21.69 10.94 -11.83
CA LEU A 136 -22.63 11.21 -12.92
C LEU A 136 -23.62 10.05 -13.08
N LYS A 137 -23.20 8.82 -12.67
CA LYS A 137 -23.96 7.57 -12.74
C LYS A 137 -24.50 7.32 -14.16
N MET A 138 -23.55 7.16 -15.09
CA MET A 138 -23.83 6.95 -16.50
C MET A 138 -24.31 5.53 -16.76
N THR A 139 -25.18 5.37 -17.76
CA THR A 139 -25.67 4.05 -18.19
C THR A 139 -24.68 3.55 -19.25
N GLN A 140 -24.76 2.25 -19.62
CA GLN A 140 -23.90 1.66 -20.66
C GLN A 140 -24.03 2.40 -22.01
N GLU A 141 -25.25 2.84 -22.36
CA GLU A 141 -25.59 3.58 -23.56
C GLU A 141 -24.91 4.96 -23.59
N GLU A 142 -24.84 5.62 -22.43
CA GLU A 142 -24.19 6.93 -22.29
C GLU A 142 -22.67 6.79 -22.47
N TYR A 143 -22.08 5.69 -21.97
CA TYR A 143 -20.64 5.42 -22.13
C TYR A 143 -20.29 5.14 -23.59
N ALA A 144 -21.15 4.36 -24.28
CA ALA A 144 -20.98 4.01 -25.71
C ALA A 144 -21.06 5.23 -26.63
N LEU A 145 -22.07 6.09 -26.42
CA LEU A 145 -22.26 7.32 -27.21
C LEU A 145 -21.15 8.32 -26.93
N LEU A 146 -20.76 8.51 -25.66
CA LEU A 146 -19.70 9.44 -25.27
C LEU A 146 -18.36 9.04 -25.92
N THR A 147 -18.06 7.72 -25.98
CA THR A 147 -16.87 7.17 -26.64
C THR A 147 -16.91 7.52 -28.13
N ALA A 148 -18.08 7.29 -28.79
CA ALA A 148 -18.30 7.63 -30.21
C ALA A 148 -18.11 9.13 -30.46
N ILE A 149 -18.61 9.99 -29.52
CA ILE A 149 -18.51 11.45 -29.56
C ILE A 149 -17.03 11.89 -29.42
N VAL A 150 -16.27 11.21 -28.51
CA VAL A 150 -14.83 11.43 -28.28
C VAL A 150 -14.05 11.14 -29.58
N ILE A 151 -14.33 9.98 -30.22
CA ILE A 151 -13.69 9.55 -31.47
C ILE A 151 -13.97 10.53 -32.61
N LEU A 152 -15.24 10.92 -32.80
CA LEU A 152 -15.63 11.82 -33.90
C LEU A 152 -15.58 13.30 -33.49
N SER A 153 -14.48 13.70 -32.83
CA SER A 153 -14.24 15.07 -32.40
C SER A 153 -13.62 15.85 -33.57
N PRO A 154 -14.31 16.91 -34.06
CA PRO A 154 -13.76 17.67 -35.20
C PRO A 154 -12.55 18.53 -34.86
N ASP A 155 -12.37 18.86 -33.56
CA ASP A 155 -11.28 19.68 -33.00
C ASP A 155 -9.93 18.97 -32.89
N ARG A 156 -9.76 17.82 -33.57
CA ARG A 156 -8.52 17.04 -33.52
C ARG A 156 -7.44 17.62 -34.44
N GLN A 157 -6.15 17.42 -34.04
CA GLN A 157 -4.98 17.86 -34.78
C GLN A 157 -4.85 17.14 -36.12
N TYR A 158 -4.38 17.88 -37.15
CA TYR A 158 -4.14 17.44 -38.54
C TYR A 158 -5.43 17.14 -39.33
N ILE A 159 -6.63 17.45 -38.79
CA ILE A 159 -7.91 17.22 -39.47
C ILE A 159 -8.08 18.23 -40.62
N LYS A 160 -8.15 17.71 -41.85
CA LYS A 160 -8.30 18.48 -43.08
C LYS A 160 -9.74 18.98 -43.28
N ASP A 161 -10.73 18.07 -43.15
CA ASP A 161 -12.16 18.39 -43.32
C ASP A 161 -12.89 18.29 -41.98
N ARG A 162 -12.92 19.42 -41.22
CA ARG A 162 -13.56 19.50 -39.91
C ARG A 162 -15.07 19.37 -40.01
N GLU A 163 -15.70 19.98 -41.05
CA GLU A 163 -17.14 19.94 -41.29
C GLU A 163 -17.67 18.51 -41.50
N ALA A 164 -16.90 17.66 -42.21
CA ALA A 164 -17.27 16.26 -42.46
C ALA A 164 -17.33 15.45 -41.15
N VAL A 165 -16.45 15.76 -40.19
CA VAL A 165 -16.43 15.10 -38.88
C VAL A 165 -17.62 15.59 -38.04
N GLU A 166 -17.91 16.92 -38.08
CA GLU A 166 -19.03 17.56 -37.37
C GLU A 166 -20.37 16.90 -37.73
N LYS A 167 -20.62 16.68 -39.04
CA LYS A 167 -21.83 16.05 -39.58
C LYS A 167 -22.07 14.66 -39.01
N LEU A 168 -20.99 13.93 -38.68
CA LEU A 168 -21.05 12.59 -38.10
C LEU A 168 -21.24 12.62 -36.58
N GLN A 169 -20.66 13.63 -35.89
CA GLN A 169 -20.75 13.77 -34.43
C GLN A 169 -22.13 14.25 -33.97
N GLU A 170 -22.72 15.26 -34.68
CA GLU A 170 -24.02 15.88 -34.38
C GLU A 170 -25.16 14.88 -34.12
N PRO A 171 -25.43 13.84 -34.97
CA PRO A 171 -26.52 12.91 -34.63
C PRO A 171 -26.25 12.10 -33.35
N LEU A 172 -24.97 11.84 -33.00
CA LEU A 172 -24.61 11.11 -31.79
C LEU A 172 -24.82 11.99 -30.56
N LEU A 173 -24.47 13.30 -30.66
CA LEU A 173 -24.70 14.28 -29.60
C LEU A 173 -26.20 14.44 -29.31
N ASP A 174 -27.02 14.46 -30.39
CA ASP A 174 -28.48 14.57 -30.31
C ASP A 174 -29.11 13.38 -29.57
N VAL A 175 -28.65 12.15 -29.88
CA VAL A 175 -29.10 10.90 -29.23
C VAL A 175 -28.70 10.92 -27.75
N LEU A 176 -27.44 11.33 -27.44
CA LEU A 176 -26.96 11.41 -26.07
C LEU A 176 -27.77 12.42 -25.25
N GLN A 177 -28.04 13.61 -25.82
CA GLN A 177 -28.84 14.65 -25.17
C GLN A 177 -30.22 14.13 -24.77
N LYS A 178 -30.87 13.39 -25.70
CA LYS A 178 -32.18 12.77 -25.47
C LYS A 178 -32.11 11.71 -24.37
N LEU A 179 -31.04 10.89 -24.34
CA LEU A 179 -30.84 9.86 -23.31
C LEU A 179 -30.64 10.42 -21.91
N CYS A 180 -29.98 11.59 -21.80
CA CYS A 180 -29.75 12.28 -20.53
C CYS A 180 -31.06 12.77 -19.95
N LYS A 181 -31.97 13.26 -20.82
CA LYS A 181 -33.29 13.77 -20.43
C LYS A 181 -34.23 12.63 -19.97
N ILE A 182 -34.07 11.43 -20.58
CA ILE A 182 -34.87 10.24 -20.24
C ILE A 182 -34.34 9.58 -18.96
N HIS A 183 -33.03 9.23 -18.92
CA HIS A 183 -32.35 8.59 -17.80
C HIS A 183 -32.33 9.47 -16.53
N GLN A 184 -31.97 10.76 -16.68
CA GLN A 184 -31.92 11.69 -15.56
C GLN A 184 -32.79 12.94 -15.79
N PRO A 185 -34.14 12.83 -15.66
CA PRO A 185 -34.97 14.05 -15.82
C PRO A 185 -34.86 14.98 -14.61
N GLU A 186 -34.46 14.43 -13.44
CA GLU A 186 -34.26 15.14 -12.16
C GLU A 186 -33.08 16.13 -12.26
N ASN A 187 -32.00 15.73 -12.98
CA ASN A 187 -30.81 16.55 -13.19
C ASN A 187 -30.77 17.12 -14.62
N PRO A 188 -31.14 18.41 -14.81
CA PRO A 188 -31.10 18.98 -16.16
C PRO A 188 -29.70 19.36 -16.63
N GLN A 189 -28.72 19.38 -15.71
CA GLN A 189 -27.32 19.70 -16.00
C GLN A 189 -26.55 18.48 -16.52
N HIS A 190 -27.18 17.29 -16.49
CA HIS A 190 -26.59 16.00 -16.85
C HIS A 190 -25.85 15.99 -18.21
N PHE A 191 -26.49 16.50 -19.29
CA PHE A 191 -25.85 16.49 -20.62
C PHE A 191 -24.62 17.39 -20.69
N ALA A 192 -24.71 18.60 -20.10
CA ALA A 192 -23.62 19.58 -20.03
C ALA A 192 -22.51 19.08 -19.11
N CYS A 193 -22.86 18.30 -18.07
CA CYS A 193 -21.94 17.67 -17.12
C CYS A 193 -21.04 16.69 -17.86
N LEU A 194 -21.64 15.77 -18.66
CA LEU A 194 -20.94 14.75 -19.46
C LEU A 194 -19.97 15.42 -20.43
N LEU A 195 -20.47 16.40 -21.21
CA LEU A 195 -19.69 17.14 -22.20
C LEU A 195 -18.50 17.90 -21.58
N GLY A 196 -18.72 18.45 -20.39
CA GLY A 196 -17.69 19.16 -19.65
C GLY A 196 -16.59 18.26 -19.15
N ARG A 197 -16.95 17.02 -18.81
CA ARG A 197 -16.02 15.99 -18.36
C ARG A 197 -15.08 15.50 -19.49
N LEU A 198 -15.38 15.89 -20.76
CA LEU A 198 -14.55 15.55 -21.91
C LEU A 198 -13.32 16.45 -21.99
N THR A 199 -13.38 17.66 -21.40
CA THR A 199 -12.23 18.57 -21.38
C THR A 199 -11.18 18.06 -20.42
N GLU A 200 -11.63 17.48 -19.27
CA GLU A 200 -10.77 16.86 -18.24
C GLU A 200 -10.14 15.60 -18.84
N LEU A 201 -10.92 14.86 -19.68
CA LEU A 201 -10.49 13.67 -20.40
C LEU A 201 -9.31 14.02 -21.32
N ARG A 202 -9.40 15.16 -22.03
CA ARG A 202 -8.37 15.66 -22.94
C ARG A 202 -7.02 15.94 -22.26
N THR A 203 -7.03 16.28 -20.95
CA THR A 203 -5.80 16.59 -20.19
C THR A 203 -4.86 15.39 -20.06
N PHE A 204 -5.42 14.15 -20.04
CA PHE A 204 -4.63 12.91 -19.95
C PHE A 204 -3.79 12.64 -21.20
N ASN A 205 -4.14 13.25 -22.35
CA ASN A 205 -3.40 13.12 -23.62
C ASN A 205 -2.03 13.76 -23.51
N HIS A 206 -1.98 14.95 -22.89
CA HIS A 206 -0.78 15.75 -22.75
C HIS A 206 0.24 15.12 -21.82
N HIS A 207 -0.23 14.33 -20.83
CA HIS A 207 0.64 13.74 -19.83
C HIS A 207 0.71 12.20 -19.84
N HIS A 208 0.08 11.52 -20.83
CA HIS A 208 0.06 10.05 -20.93
C HIS A 208 1.47 9.44 -21.08
N ALA A 209 2.33 10.03 -21.93
CA ALA A 209 3.70 9.55 -22.16
C ALA A 209 4.54 9.64 -20.89
N GLU A 210 4.42 10.77 -20.15
CA GLU A 210 5.11 11.01 -18.88
C GLU A 210 4.61 10.05 -17.82
N MET A 211 3.30 9.74 -17.84
CA MET A 211 2.63 8.82 -16.91
CA MET A 211 2.64 8.83 -16.92
C MET A 211 3.18 7.40 -17.08
N LEU A 212 3.34 6.95 -18.36
CA LEU A 212 3.84 5.60 -18.69
C LEU A 212 5.33 5.45 -18.38
N MET A 213 6.15 6.45 -18.73
CA MET A 213 7.60 6.41 -18.50
C MET A 213 7.98 6.53 -17.02
N SER A 214 7.08 7.08 -16.17
CA SER A 214 7.30 7.23 -14.74
C SER A 214 6.97 5.95 -13.94
N TRP A 215 6.44 4.91 -14.64
CA TRP A 215 6.10 3.62 -14.05
C TRP A 215 7.35 3.00 -13.43
N ARG A 216 7.25 2.54 -12.18
CA ARG A 216 8.35 2.00 -11.38
C ARG A 216 8.88 0.65 -11.89
N VAL A 217 9.45 0.65 -13.11
CA VAL A 217 10.03 -0.50 -13.81
C VAL A 217 11.37 -0.08 -14.45
N ASN A 218 12.25 -1.06 -14.78
CA ASN A 218 13.56 -0.81 -15.38
C ASN A 218 13.47 -0.66 -16.90
N ASP A 219 12.63 -1.50 -17.55
CA ASP A 219 12.44 -1.51 -19.01
C ASP A 219 11.01 -1.12 -19.36
N HIS A 220 10.84 -0.05 -20.16
CA HIS A 220 9.52 0.39 -20.61
C HIS A 220 9.32 -0.11 -22.03
N LYS A 221 8.96 -1.40 -22.14
CA LYS A 221 8.75 -2.06 -23.43
C LYS A 221 7.30 -1.94 -23.86
N PHE A 222 7.09 -1.49 -25.11
CA PHE A 222 5.77 -1.31 -25.70
C PHE A 222 5.65 -2.15 -26.98
N THR A 223 4.41 -2.49 -27.35
CA THR A 223 4.14 -3.26 -28.57
C THR A 223 4.24 -2.30 -29.78
N PRO A 224 4.56 -2.78 -31.01
CA PRO A 224 4.62 -1.84 -32.16
C PRO A 224 3.33 -1.05 -32.39
N LEU A 225 2.17 -1.64 -32.06
CA LEU A 225 0.86 -0.99 -32.20
C LEU A 225 0.73 0.15 -31.19
N LEU A 226 1.15 -0.09 -29.92
CA LEU A 226 1.10 0.91 -28.85
C LEU A 226 2.01 2.10 -29.15
N CYS A 227 3.17 1.86 -29.79
CA CYS A 227 4.14 2.88 -30.19
C CYS A 227 3.54 3.85 -31.24
N GLU A 228 2.62 3.36 -32.08
CA GLU A 228 1.94 4.17 -33.11
C GLU A 228 0.83 5.03 -32.50
N ILE A 229 0.19 4.53 -31.43
CA ILE A 229 -0.94 5.18 -30.77
C ILE A 229 -0.48 6.14 -29.65
N TRP A 230 0.57 5.76 -28.90
CA TRP A 230 1.14 6.56 -27.81
C TRP A 230 2.42 7.31 -28.24
N ASP A 231 2.81 8.35 -27.49
CA ASP A 231 4.02 9.12 -27.77
C ASP A 231 5.22 8.52 -26.99
N VAL A 232 5.39 7.18 -27.11
CA VAL A 232 6.42 6.37 -26.42
C VAL A 232 7.39 5.66 -27.39
N GLN A 233 8.58 5.27 -26.87
CA GLN A 233 9.69 4.58 -27.55
C GLN A 233 10.15 5.28 -28.82
N ASP B 2 4.41 5.98 -41.66
CA ASP B 2 4.72 6.23 -40.25
C ASP B 2 3.81 5.42 -39.31
N HIS B 3 2.48 5.49 -39.52
CA HIS B 3 1.48 4.76 -38.74
C HIS B 3 0.87 3.66 -39.61
N GLN B 4 1.73 2.75 -40.11
CA GLN B 4 1.32 1.67 -41.02
C GLN B 4 0.45 0.59 -40.35
N LEU B 5 0.62 0.30 -39.05
CA LEU B 5 -0.25 -0.70 -38.39
C LEU B 5 -1.67 -0.16 -38.26
N LEU B 6 -1.82 1.15 -37.94
CA LEU B 6 -3.13 1.79 -37.83
C LEU B 6 -3.81 1.87 -39.19
N ARG B 7 -3.05 2.22 -40.24
CA ARG B 7 -3.53 2.31 -41.62
C ARG B 7 -4.00 0.95 -42.10
N TYR B 8 -3.29 -0.12 -41.71
CA TYR B 8 -3.65 -1.49 -42.07
C TYR B 8 -4.95 -1.93 -41.39
N LEU B 9 -5.07 -1.68 -40.07
CA LEU B 9 -6.26 -2.06 -39.29
C LEU B 9 -7.53 -1.30 -39.74
N LEU B 10 -7.34 -0.05 -40.20
CA LEU B 10 -8.40 0.83 -40.69
C LEU B 10 -8.92 0.37 -42.05
N ASP B 11 -8.00 0.02 -42.99
CA ASP B 11 -8.32 -0.44 -44.33
C ASP B 11 -8.35 -1.99 -44.38
N MET C 4 5.03 4.94 -0.27
CA MET C 4 6.22 5.62 -0.78
C MET C 4 7.44 4.72 -0.73
N GLU C 5 8.31 4.83 -1.74
CA GLU C 5 9.55 4.05 -1.80
C GLU C 5 10.64 4.67 -0.94
N LEU C 6 11.52 3.83 -0.39
CA LEU C 6 12.65 4.27 0.44
C LEU C 6 13.68 4.96 -0.44
N THR C 7 14.36 5.97 0.10
CA THR C 7 15.44 6.69 -0.60
C THR C 7 16.75 5.88 -0.38
N PRO C 8 17.85 6.10 -1.15
CA PRO C 8 19.09 5.35 -0.89
C PRO C 8 19.60 5.51 0.55
N ASP C 9 19.42 6.70 1.17
CA ASP C 9 19.80 6.99 2.55
C ASP C 9 18.99 6.18 3.54
N GLN C 10 17.67 6.04 3.32
CA GLN C 10 16.77 5.27 4.18
C GLN C 10 17.05 3.78 4.09
N GLN C 11 17.47 3.30 2.90
CA GLN C 11 17.84 1.91 2.63
C GLN C 11 19.12 1.59 3.38
N THR C 12 20.05 2.56 3.43
CA THR C 12 21.33 2.51 4.14
C THR C 12 21.06 2.48 5.65
N LEU C 13 20.16 3.35 6.14
CA LEU C 13 19.75 3.41 7.54
C LEU C 13 19.09 2.09 7.96
N LEU C 14 18.15 1.56 7.13
CA LEU C 14 17.45 0.30 7.38
C LEU C 14 18.40 -0.89 7.52
N HIS C 15 19.34 -1.09 6.58
CA HIS C 15 20.31 -2.19 6.66
C HIS C 15 21.23 -2.07 7.86
N PHE C 16 21.61 -0.82 8.24
CA PHE C 16 22.45 -0.55 9.41
C PHE C 16 21.75 -0.95 10.71
N ILE C 17 20.45 -0.66 10.83
CA ILE C 17 19.60 -0.99 12.00
C ILE C 17 19.45 -2.52 12.06
N MET C 18 19.23 -3.15 10.89
CA MET C 18 19.06 -4.59 10.74
C MET C 18 20.29 -5.40 11.16
N ASP C 19 21.50 -4.95 10.77
CA ASP C 19 22.77 -5.59 11.13
C ASP C 19 22.99 -5.54 12.64
N SER C 20 22.62 -4.41 13.29
CA SER C 20 22.71 -4.23 14.73
C SER C 20 21.68 -5.09 15.46
N TYR C 21 20.43 -5.10 14.97
CA TYR C 21 19.31 -5.87 15.55
C TYR C 21 19.56 -7.38 15.52
N ASN C 22 20.18 -7.88 14.43
CA ASN C 22 20.47 -9.30 14.23
C ASN C 22 21.59 -9.85 15.14
N LYS C 23 22.31 -8.97 15.88
CA LYS C 23 23.36 -9.39 16.83
C LYS C 23 22.76 -9.99 18.11
N GLN C 24 21.42 -9.99 18.22
CA GLN C 24 20.66 -10.55 19.34
C GLN C 24 20.68 -12.07 19.31
N ARG C 25 20.46 -12.72 20.50
CA ARG C 25 20.43 -14.18 20.63
CA ARG C 25 20.42 -14.17 20.62
C ARG C 25 19.36 -14.71 19.68
N MET C 26 19.69 -15.73 18.88
CA MET C 26 18.77 -16.30 17.92
C MET C 26 17.47 -16.83 18.55
N PRO C 27 16.28 -16.55 17.96
CA PRO C 27 15.02 -17.03 18.55
C PRO C 27 14.96 -18.56 18.72
N GLN C 28 15.49 -19.30 17.71
CA GLN C 28 15.54 -20.76 17.71
C GLN C 28 16.31 -21.28 18.92
N GLU C 29 17.42 -20.61 19.30
CA GLU C 29 18.25 -20.96 20.46
C GLU C 29 17.43 -20.89 21.76
N ILE C 30 16.57 -19.85 21.89
CA ILE C 30 15.70 -19.61 23.04
C ILE C 30 14.55 -20.64 23.07
N THR C 31 13.83 -20.82 21.94
CA THR C 31 12.72 -21.77 21.80
CA THR C 31 12.72 -21.77 21.84
C THR C 31 13.16 -23.22 22.03
N ASN C 32 14.38 -23.59 21.53
CA ASN C 32 14.94 -24.94 21.67
C ASN C 32 15.09 -25.37 23.13
N LYS C 33 15.54 -24.44 24.00
CA LYS C 33 15.74 -24.67 25.44
C LYS C 33 14.41 -24.88 26.19
N ILE C 34 13.40 -24.03 25.88
CA ILE C 34 12.07 -24.09 26.51
C ILE C 34 11.28 -25.32 26.04
N LEU C 35 11.48 -25.76 24.77
CA LEU C 35 10.78 -26.92 24.20
C LEU C 35 11.40 -28.30 24.56
N LYS C 36 12.73 -28.36 24.77
CA LYS C 36 13.48 -29.57 25.08
C LYS C 36 13.07 -30.22 26.40
N GLU C 37 13.14 -29.47 27.51
CA GLU C 37 12.83 -29.98 28.85
C GLU C 37 11.85 -29.06 29.57
N ALA C 38 11.01 -29.65 30.43
CA ALA C 38 10.07 -28.91 31.26
C ALA C 38 10.82 -28.59 32.55
N PHE C 39 10.89 -27.31 32.91
CA PHE C 39 11.61 -26.86 34.09
C PHE C 39 10.67 -26.42 35.19
N SER C 40 11.17 -26.38 36.43
CA SER C 40 10.42 -25.92 37.61
C SER C 40 10.38 -24.39 37.58
N ALA C 41 9.47 -23.77 38.38
CA ALA C 41 9.32 -22.32 38.48
C ALA C 41 10.62 -21.63 38.94
N GLU C 42 11.41 -22.34 39.78
CA GLU C 42 12.71 -21.87 40.28
C GLU C 42 13.75 -21.85 39.15
N GLU C 43 13.80 -22.93 38.34
CA GLU C 43 14.72 -23.02 37.20
C GLU C 43 14.33 -22.02 36.12
N ASN C 44 13.02 -21.83 35.86
CA ASN C 44 12.48 -20.89 34.88
C ASN C 44 12.83 -19.43 35.22
N PHE C 45 12.81 -19.08 36.52
CA PHE C 45 13.14 -17.73 36.98
C PHE C 45 14.61 -17.40 36.65
N LEU C 46 15.51 -18.38 36.87
CA LEU C 46 16.94 -18.25 36.55
C LEU C 46 17.18 -18.21 35.06
N ILE C 47 16.34 -18.91 34.26
CA ILE C 47 16.39 -18.87 32.81
C ILE C 47 16.04 -17.43 32.38
N LEU C 48 14.93 -16.88 32.93
CA LEU C 48 14.51 -15.51 32.64
C LEU C 48 15.58 -14.49 32.99
N THR C 49 16.18 -14.60 34.19
CA THR C 49 17.22 -13.70 34.71
C THR C 49 18.43 -13.67 33.76
N GLU C 50 18.90 -14.85 33.31
CA GLU C 50 20.02 -14.98 32.37
C GLU C 50 19.63 -14.44 30.98
N MET C 51 18.41 -14.77 30.51
CA MET C 51 17.87 -14.31 29.22
C MET C 51 17.77 -12.79 29.18
N ALA C 52 17.27 -12.17 30.26
CA ALA C 52 17.09 -10.73 30.39
C ALA C 52 18.42 -9.98 30.49
N THR C 53 19.42 -10.55 31.19
CA THR C 53 20.76 -9.96 31.36
C THR C 53 21.43 -9.81 29.98
N ASN C 54 21.41 -10.90 29.17
CA ASN C 54 21.97 -10.91 27.81
C ASN C 54 21.21 -9.91 26.92
N HIS C 55 19.87 -9.91 27.02
CA HIS C 55 19.03 -8.97 26.25
C HIS C 55 19.42 -7.52 26.51
N VAL C 56 19.54 -7.11 27.79
CA VAL C 56 19.92 -5.74 28.18
C VAL C 56 21.29 -5.38 27.61
N GLN C 57 22.29 -6.28 27.74
CA GLN C 57 23.64 -6.09 27.22
C GLN C 57 23.64 -5.84 25.72
N VAL C 58 22.90 -6.66 24.96
CA VAL C 58 22.80 -6.52 23.51
C VAL C 58 21.98 -5.27 23.15
N LEU C 59 20.95 -4.94 23.96
CA LEU C 59 20.12 -3.74 23.77
C LEU C 59 20.94 -2.46 23.91
N VAL C 60 21.87 -2.40 24.89
CA VAL C 60 22.74 -1.24 25.10
C VAL C 60 23.62 -1.04 23.85
N GLU C 61 24.17 -2.15 23.30
CA GLU C 61 24.99 -2.11 22.09
C GLU C 61 24.20 -1.65 20.88
N PHE C 62 22.93 -2.10 20.77
CA PHE C 62 22.02 -1.69 19.68
C PHE C 62 21.65 -0.21 19.80
N THR C 63 21.36 0.25 21.03
CA THR C 63 20.99 1.63 21.37
C THR C 63 22.13 2.61 21.05
N LYS C 64 23.39 2.24 21.38
CA LYS C 64 24.60 3.03 21.13
C LYS C 64 24.84 3.29 19.64
N LYS C 65 24.43 2.34 18.77
CA LYS C 65 24.58 2.41 17.33
C LYS C 65 23.46 3.17 16.63
N LEU C 66 22.34 3.45 17.34
CA LEU C 66 21.23 4.21 16.75
C LEU C 66 21.73 5.60 16.37
N PRO C 67 21.47 6.04 15.11
CA PRO C 67 22.00 7.34 14.66
C PRO C 67 21.64 8.53 15.53
N GLY C 68 22.67 9.21 16.01
CA GLY C 68 22.56 10.38 16.86
C GLY C 68 22.46 10.11 18.34
N PHE C 69 22.32 8.83 18.77
CA PHE C 69 22.18 8.50 20.19
C PHE C 69 23.36 8.99 21.05
N GLN C 70 24.58 8.87 20.52
CA GLN C 70 25.81 9.30 21.19
C GLN C 70 25.94 10.83 21.34
N THR C 71 25.20 11.62 20.52
CA THR C 71 25.21 13.09 20.56
C THR C 71 24.29 13.63 21.67
N LEU C 72 23.39 12.79 22.20
CA LEU C 72 22.45 13.16 23.26
C LEU C 72 23.16 13.34 24.60
N ASP C 73 22.51 14.09 25.52
CA ASP C 73 22.99 14.33 26.88
C ASP C 73 23.09 12.97 27.58
N HIS C 74 24.21 12.74 28.30
CA HIS C 74 24.47 11.46 28.98
CA HIS C 74 24.48 11.47 29.00
C HIS C 74 23.40 11.08 30.00
N GLU C 75 22.80 12.06 30.68
CA GLU C 75 21.74 11.80 31.65
C GLU C 75 20.47 11.30 30.95
N ASP C 76 20.16 11.86 29.76
CA ASP C 76 19.01 11.48 28.94
C ASP C 76 19.21 10.10 28.32
N GLN C 77 20.47 9.73 28.02
CA GLN C 77 20.86 8.44 27.44
C GLN C 77 20.45 7.29 28.35
N ILE C 78 20.69 7.46 29.67
CA ILE C 78 20.36 6.51 30.74
C ILE C 78 18.84 6.44 30.89
N ALA C 79 18.17 7.61 30.90
CA ALA C 79 16.71 7.73 31.00
C ALA C 79 15.99 6.98 29.87
N LEU C 80 16.53 7.05 28.63
CA LEU C 80 16.00 6.36 27.45
C LEU C 80 16.18 4.85 27.57
N LEU C 81 17.39 4.40 27.98
CA LEU C 81 17.70 2.98 28.16
C LEU C 81 16.87 2.35 29.27
N LYS C 82 16.78 3.03 30.43
CA LYS C 82 16.02 2.56 31.59
C LYS C 82 14.51 2.50 31.33
N GLY C 83 13.99 3.49 30.60
CA GLY C 83 12.58 3.57 30.27
C GLY C 83 12.11 2.64 29.17
N SER C 84 13.04 2.09 28.37
CA SER C 84 12.71 1.23 27.24
C SER C 84 13.10 -0.25 27.37
N ALA C 85 14.01 -0.59 28.30
CA ALA C 85 14.52 -1.95 28.47
C ALA C 85 13.45 -3.04 28.59
N VAL C 86 12.42 -2.82 29.44
CA VAL C 86 11.30 -3.77 29.67
C VAL C 86 10.45 -3.94 28.41
N GLU C 87 10.06 -2.82 27.78
CA GLU C 87 9.25 -2.79 26.56
C GLU C 87 9.93 -3.51 25.42
N ALA C 88 11.26 -3.29 25.26
CA ALA C 88 12.06 -3.95 24.24
C ALA C 88 12.09 -5.47 24.46
N MET C 89 12.18 -5.89 25.73
CA MET C 89 12.19 -7.31 26.11
C MET C 89 10.87 -7.98 25.74
N PHE C 90 9.72 -7.31 26.02
CA PHE C 90 8.38 -7.81 25.66
C PHE C 90 8.13 -7.82 24.16
N LEU C 91 8.64 -6.82 23.43
CA LEU C 91 8.51 -6.79 21.97
C LEU C 91 9.31 -7.94 21.34
N ARG C 92 10.52 -8.18 21.88
CA ARG C 92 11.40 -9.27 21.43
CA ARG C 92 11.42 -9.26 21.47
C ARG C 92 10.78 -10.63 21.75
N SER C 93 10.15 -10.77 22.94
CA SER C 93 9.47 -11.99 23.36
C SER C 93 8.31 -12.31 22.43
N ALA C 94 7.56 -11.26 21.98
CA ALA C 94 6.43 -11.38 21.05
C ALA C 94 6.91 -11.85 19.67
N GLU C 95 8.07 -11.33 19.22
CA GLU C 95 8.70 -11.71 17.95
C GLU C 95 9.08 -13.21 17.98
N ILE C 96 9.78 -13.65 19.06
CA ILE C 96 10.20 -15.05 19.24
C ILE C 96 8.99 -15.99 19.24
N PHE C 97 7.93 -15.65 20.01
CA PHE C 97 6.69 -16.42 20.12
C PHE C 97 5.95 -16.61 18.79
N ASN C 98 6.02 -15.60 17.89
CA ASN C 98 5.33 -15.65 16.62
C ASN C 98 6.16 -16.20 15.45
N LYS C 99 7.41 -16.65 15.72
CA LYS C 99 8.26 -17.24 14.69
C LYS C 99 7.78 -18.67 14.41
N LYS C 100 7.66 -19.02 13.12
CA LYS C 100 7.16 -20.32 12.65
C LYS C 100 7.98 -21.51 13.17
N LEU C 101 7.28 -22.47 13.79
CA LEU C 101 7.85 -23.70 14.36
C LEU C 101 7.11 -24.91 13.76
N PRO C 102 7.70 -26.14 13.74
CA PRO C 102 6.95 -27.29 13.21
C PRO C 102 5.62 -27.54 13.94
N SER C 103 4.69 -28.26 13.29
CA SER C 103 3.36 -28.59 13.81
C SER C 103 3.35 -29.07 15.27
N GLY C 104 2.61 -28.35 16.12
CA GLY C 104 2.46 -28.66 17.54
C GLY C 104 3.43 -27.98 18.50
N HIS C 105 4.61 -27.55 18.00
CA HIS C 105 5.66 -26.92 18.82
C HIS C 105 5.26 -25.59 19.44
N SER C 106 4.46 -24.78 18.71
CA SER C 106 3.98 -23.49 19.22
C SER C 106 2.97 -23.67 20.35
N ASP C 107 2.18 -24.78 20.31
CA ASP C 107 1.21 -25.14 21.34
C ASP C 107 1.94 -25.52 22.64
N LEU C 108 3.07 -26.26 22.50
CA LEU C 108 3.90 -26.67 23.63
C LEU C 108 4.64 -25.48 24.23
N LEU C 109 5.13 -24.55 23.37
CA LEU C 109 5.83 -23.34 23.79
C LEU C 109 4.90 -22.49 24.69
N GLU C 110 3.64 -22.29 24.26
CA GLU C 110 2.62 -21.54 24.99
C GLU C 110 2.34 -22.20 26.36
N ALA C 111 2.18 -23.54 26.37
CA ALA C 111 1.93 -24.33 27.58
C ALA C 111 3.11 -24.23 28.57
N ARG C 112 4.35 -24.27 28.05
CA ARG C 112 5.57 -24.16 28.85
C ARG C 112 5.71 -22.77 29.49
N ILE C 113 5.30 -21.71 28.77
CA ILE C 113 5.32 -20.33 29.29
C ILE C 113 4.20 -20.14 30.33
N ARG C 114 3.02 -20.80 30.14
CA ARG C 114 1.89 -20.76 31.08
C ARG C 114 2.29 -21.36 32.43
N ASN C 115 3.15 -22.40 32.41
CA ASN C 115 3.65 -23.09 33.62
C ASN C 115 5.04 -22.57 34.08
N SER C 116 5.42 -21.35 33.64
CA SER C 116 6.69 -20.68 33.95
C SER C 116 6.89 -20.38 35.43
N GLY C 117 5.82 -20.03 36.13
CA GLY C 117 5.89 -19.69 37.55
C GLY C 117 5.29 -18.34 37.87
N ILE C 118 4.98 -17.55 36.84
CA ILE C 118 4.33 -16.26 37.02
C ILE C 118 2.84 -16.49 37.19
N SER C 119 2.18 -15.56 37.89
CA SER C 119 0.76 -15.60 38.18
C SER C 119 -0.08 -15.59 36.88
N ASP C 120 -1.20 -16.34 36.88
CA ASP C 120 -2.10 -16.44 35.72
C ASP C 120 -2.67 -15.08 35.31
N GLU C 121 -2.84 -14.14 36.29
CA GLU C 121 -3.35 -12.79 36.04
CA GLU C 121 -3.33 -12.77 36.07
C GLU C 121 -2.44 -11.97 35.11
N TYR C 122 -1.14 -12.34 35.02
CA TYR C 122 -0.18 -11.68 34.14
C TYR C 122 0.04 -12.42 32.82
N ILE C 123 -0.21 -13.75 32.82
CA ILE C 123 -0.06 -14.64 31.66
C ILE C 123 -1.06 -14.29 30.55
N THR C 124 -2.35 -14.11 30.91
CA THR C 124 -3.46 -13.79 29.98
C THR C 124 -3.18 -12.49 29.16
N PRO C 125 -2.90 -11.29 29.75
CA PRO C 125 -2.63 -10.12 28.90
C PRO C 125 -1.33 -10.22 28.08
N MET C 126 -0.36 -11.03 28.55
CA MET C 126 0.91 -11.27 27.86
C MET C 126 0.67 -12.02 26.54
N PHE C 127 -0.15 -13.10 26.58
CA PHE C 127 -0.47 -13.89 25.39
C PHE C 127 -1.42 -13.14 24.45
N SER C 128 -2.28 -12.26 25.02
CA SER C 128 -3.20 -11.42 24.26
C SER C 128 -2.39 -10.47 23.38
N PHE C 129 -1.27 -9.94 23.92
CA PHE C 129 -0.34 -9.06 23.22
C PHE C 129 0.43 -9.82 22.14
N TYR C 130 0.96 -11.01 22.48
CA TYR C 130 1.73 -11.86 21.55
C TYR C 130 0.90 -12.26 20.33
N LYS C 131 -0.36 -12.69 20.55
CA LYS C 131 -1.27 -13.09 19.46
C LYS C 131 -1.65 -11.92 18.56
N SER C 132 -1.93 -10.74 19.15
CA SER C 132 -2.27 -9.52 18.42
C SER C 132 -1.10 -8.99 17.59
N ILE C 133 0.13 -9.10 18.12
CA ILE C 133 1.38 -8.75 17.43
C ILE C 133 1.56 -9.75 16.27
N GLY C 134 1.24 -11.03 16.52
CA GLY C 134 1.32 -12.11 15.54
C GLY C 134 0.38 -11.97 14.38
N GLU C 135 -0.85 -11.48 14.65
CA GLU C 135 -1.87 -11.26 13.63
C GLU C 135 -1.52 -10.10 12.69
N LEU C 136 -0.59 -9.23 13.12
CA LEU C 136 -0.07 -8.11 12.31
C LEU C 136 0.89 -8.63 11.24
N LYS C 137 1.54 -9.79 11.50
CA LYS C 137 2.53 -10.46 10.64
C LYS C 137 3.63 -9.48 10.23
N MET C 138 4.36 -9.01 11.24
CA MET C 138 5.46 -8.07 11.08
C MET C 138 6.69 -8.75 10.49
N THR C 139 7.45 -8.00 9.67
CA THR C 139 8.70 -8.49 9.10
C THR C 139 9.78 -8.20 10.13
N GLN C 140 10.97 -8.80 9.97
CA GLN C 140 12.09 -8.57 10.88
C GLN C 140 12.46 -7.09 10.95
N GLU C 141 12.41 -6.39 9.79
CA GLU C 141 12.69 -4.96 9.63
C GLU C 141 11.72 -4.09 10.41
N GLU C 142 10.44 -4.50 10.47
CA GLU C 142 9.40 -3.79 11.25
C GLU C 142 9.65 -3.95 12.75
N TYR C 143 10.13 -5.14 13.18
CA TYR C 143 10.46 -5.41 14.58
C TYR C 143 11.67 -4.56 15.00
N ALA C 144 12.70 -4.48 14.13
CA ALA C 144 13.95 -3.71 14.37
C ALA C 144 13.68 -2.21 14.50
N LEU C 145 12.89 -1.65 13.58
CA LEU C 145 12.54 -0.24 13.60
C LEU C 145 11.65 0.12 14.79
N LEU C 146 10.64 -0.73 15.09
CA LEU C 146 9.74 -0.51 16.22
C LEU C 146 10.50 -0.49 17.55
N THR C 147 11.51 -1.40 17.70
CA THR C 147 12.40 -1.45 18.87
C THR C 147 13.16 -0.13 18.97
N ALA C 148 13.75 0.35 17.85
CA ALA C 148 14.48 1.63 17.77
C ALA C 148 13.57 2.81 18.14
N ILE C 149 12.31 2.78 17.68
CA ILE C 149 11.27 3.79 17.94
C ILE C 149 10.88 3.78 19.45
N VAL C 150 10.78 2.57 20.06
CA VAL C 150 10.50 2.36 21.49
C VAL C 150 11.63 3.00 22.33
N ILE C 151 12.90 2.71 21.97
CA ILE C 151 14.09 3.26 22.65
C ILE C 151 14.15 4.79 22.57
N LEU C 152 13.96 5.34 21.36
CA LEU C 152 14.05 6.79 21.17
C LEU C 152 12.68 7.50 21.36
N SER C 153 11.98 7.14 22.44
CA SER C 153 10.69 7.73 22.79
C SER C 153 10.93 9.00 23.59
N PRO C 154 10.47 10.17 23.07
CA PRO C 154 10.70 11.43 23.78
C PRO C 154 9.87 11.60 25.06
N ASP C 155 8.75 10.85 25.16
CA ASP C 155 7.80 10.86 26.28
C ASP C 155 8.29 10.12 27.53
N ARG C 156 9.60 9.82 27.63
CA ARG C 156 10.18 9.10 28.77
C ARG C 156 10.41 10.00 29.98
N GLN C 157 10.32 9.41 31.19
CA GLN C 157 10.51 10.08 32.48
C GLN C 157 11.96 10.56 32.63
N TYR C 158 12.14 11.73 33.26
CA TYR C 158 13.41 12.42 33.55
C TYR C 158 14.15 12.98 32.30
N ILE C 159 13.52 12.93 31.11
CA ILE C 159 14.11 13.46 29.87
C ILE C 159 14.14 14.99 29.90
N LYS C 160 15.36 15.55 29.85
CA LYS C 160 15.60 16.99 29.89
C LYS C 160 15.33 17.66 28.54
N ASP C 161 15.88 17.10 27.43
CA ASP C 161 15.70 17.61 26.09
C ASP C 161 14.85 16.65 25.24
N ARG C 162 13.51 16.86 25.29
CA ARG C 162 12.49 16.08 24.57
CA ARG C 162 12.49 16.08 24.57
C ARG C 162 12.65 16.24 23.05
N GLU C 163 12.88 17.48 22.57
CA GLU C 163 13.04 17.82 21.16
C GLU C 163 14.23 17.09 20.49
N ALA C 164 15.35 16.94 21.22
CA ALA C 164 16.54 16.24 20.73
C ALA C 164 16.26 14.76 20.46
N VAL C 165 15.41 14.13 21.29
CA VAL C 165 15.01 12.74 21.13
C VAL C 165 14.05 12.61 19.93
N GLU C 166 13.09 13.58 19.79
CA GLU C 166 12.11 13.64 18.69
C GLU C 166 12.81 13.63 17.33
N LYS C 167 13.85 14.47 17.17
CA LYS C 167 14.65 14.61 15.95
C LYS C 167 15.29 13.29 15.50
N LEU C 168 15.61 12.42 16.47
CA LEU C 168 16.21 11.11 16.22
C LEU C 168 15.15 10.03 15.91
N GLN C 169 13.96 10.14 16.53
CA GLN C 169 12.87 9.18 16.34
C GLN C 169 12.18 9.36 14.97
N GLU C 170 11.91 10.62 14.56
CA GLU C 170 11.24 11.00 13.31
C GLU C 170 11.78 10.28 12.05
N PRO C 171 13.10 10.21 11.75
CA PRO C 171 13.54 9.47 10.55
C PRO C 171 13.25 7.97 10.60
N LEU C 172 13.22 7.39 11.82
CA LEU C 172 12.92 5.96 12.03
C LEU C 172 11.43 5.70 11.82
N LEU C 173 10.57 6.62 12.31
CA LEU C 173 9.11 6.55 12.11
C LEU C 173 8.78 6.65 10.61
N ASP C 174 9.49 7.53 9.88
CA ASP C 174 9.32 7.72 8.44
C ASP C 174 9.64 6.46 7.64
N VAL C 175 10.77 5.78 7.98
CA VAL C 175 11.20 4.52 7.36
C VAL C 175 10.16 3.42 7.66
N LEU C 176 9.69 3.33 8.93
CA LEU C 176 8.69 2.34 9.33
C LEU C 176 7.38 2.53 8.58
N GLN C 177 6.90 3.79 8.48
CA GLN C 177 5.67 4.13 7.76
C GLN C 177 5.74 3.66 6.31
N LYS C 178 6.90 3.89 5.64
CA LYS C 178 7.15 3.46 4.26
C LYS C 178 7.15 1.93 4.14
N LEU C 179 7.75 1.22 5.11
CA LEU C 179 7.80 -0.24 5.12
C LEU C 179 6.43 -0.89 5.31
N CYS C 180 5.52 -0.23 6.08
CA CYS C 180 4.15 -0.68 6.33
C CYS C 180 3.34 -0.60 5.04
N LYS C 181 3.58 0.44 4.23
CA LYS C 181 2.91 0.67 2.94
C LYS C 181 3.37 -0.33 1.88
N ILE C 182 4.66 -0.75 1.93
CA ILE C 182 5.25 -1.72 1.00
C ILE C 182 4.83 -3.15 1.35
N HIS C 183 5.13 -3.61 2.58
CA HIS C 183 4.84 -4.97 3.02
C HIS C 183 3.34 -5.25 3.23
N GLN C 184 2.54 -4.20 3.48
CA GLN C 184 1.09 -4.33 3.65
C GLN C 184 0.30 -3.19 2.97
N PRO C 185 0.18 -3.21 1.62
CA PRO C 185 -0.57 -2.14 0.93
C PRO C 185 -2.09 -2.31 1.04
N GLU C 186 -2.54 -3.56 1.28
CA GLU C 186 -3.95 -3.94 1.44
C GLU C 186 -4.55 -3.35 2.73
N ASN C 187 -3.73 -3.29 3.80
CA ASN C 187 -4.13 -2.75 5.10
C ASN C 187 -3.51 -1.35 5.33
N PRO C 188 -4.28 -0.24 5.12
CA PRO C 188 -3.70 1.10 5.34
C PRO C 188 -3.64 1.48 6.82
N GLN C 189 -4.30 0.72 7.71
CA GLN C 189 -4.31 0.94 9.15
C GLN C 189 -3.07 0.36 9.84
N HIS C 190 -2.27 -0.46 9.11
CA HIS C 190 -1.08 -1.15 9.63
C HIS C 190 -0.08 -0.29 10.43
N PHE C 191 0.31 0.90 9.92
CA PHE C 191 1.27 1.75 10.62
C PHE C 191 0.71 2.27 11.95
N ALA C 192 -0.59 2.60 12.00
CA ALA C 192 -1.30 3.05 13.21
C ALA C 192 -1.33 1.91 14.23
N CYS C 193 -1.55 0.65 13.77
CA CYS C 193 -1.55 -0.56 14.61
C CYS C 193 -0.22 -0.72 15.34
N LEU C 194 0.92 -0.48 14.65
CA LEU C 194 2.25 -0.60 15.24
C LEU C 194 2.48 0.49 16.29
N LEU C 195 2.02 1.73 16.02
CA LEU C 195 2.13 2.83 16.98
C LEU C 195 1.25 2.60 18.20
N GLY C 196 0.12 1.91 17.99
CA GLY C 196 -0.80 1.50 19.04
C GLY C 196 -0.16 0.51 20.01
N ARG C 197 0.78 -0.33 19.50
CA ARG C 197 1.54 -1.33 20.27
C ARG C 197 2.45 -0.70 21.31
N LEU C 198 2.98 0.50 21.01
CA LEU C 198 3.85 1.28 21.89
C LEU C 198 3.13 1.59 23.21
N THR C 199 1.81 1.91 23.16
CA THR C 199 0.98 2.16 24.35
C THR C 199 0.77 0.84 25.14
N GLU C 200 0.53 -0.28 24.42
CA GLU C 200 0.34 -1.61 25.01
C GLU C 200 1.60 -2.07 25.73
N LEU C 201 2.79 -1.81 25.13
CA LEU C 201 4.10 -2.13 25.70
C LEU C 201 4.34 -1.38 26.99
N ARG C 202 3.87 -0.10 27.07
CA ARG C 202 4.00 0.76 28.25
C ARG C 202 3.21 0.20 29.44
N THR C 203 2.04 -0.43 29.20
CA THR C 203 1.23 -1.05 30.26
C THR C 203 1.98 -2.23 30.90
N PHE C 204 2.73 -3.02 30.08
CA PHE C 204 3.53 -4.15 30.58
C PHE C 204 4.67 -3.70 31.49
N ASN C 205 5.27 -2.55 31.15
CA ASN C 205 6.34 -1.89 31.91
C ASN C 205 5.88 -1.45 33.31
N HIS C 206 4.63 -0.91 33.44
CA HIS C 206 4.11 -0.45 34.75
CA HIS C 206 4.07 -0.45 34.72
C HIS C 206 3.78 -1.60 35.71
N HIS C 207 3.67 -2.84 35.19
CA HIS C 207 3.39 -4.02 36.01
C HIS C 207 4.53 -5.06 36.02
N HIS C 208 5.72 -4.74 35.45
CA HIS C 208 6.86 -5.66 35.37
C HIS C 208 7.38 -6.09 36.74
N ALA C 209 7.51 -5.14 37.71
CA ALA C 209 8.02 -5.45 39.06
C ALA C 209 7.07 -6.38 39.79
N GLU C 210 5.74 -6.13 39.67
CA GLU C 210 4.68 -6.94 40.28
C GLU C 210 4.66 -8.34 39.65
N MET C 211 4.90 -8.41 38.32
CA MET C 211 4.96 -9.63 37.53
C MET C 211 6.11 -10.54 38.01
N LEU C 212 7.31 -9.95 38.23
CA LEU C 212 8.51 -10.65 38.67
C LEU C 212 8.41 -11.13 40.11
N MET C 213 7.92 -10.27 41.02
CA MET C 213 7.81 -10.60 42.44
C MET C 213 6.71 -11.64 42.73
N SER C 214 5.72 -11.79 41.82
CA SER C 214 4.62 -12.75 41.94
C SER C 214 5.02 -14.17 41.48
N TRP C 215 6.27 -14.33 40.99
CA TRP C 215 6.82 -15.61 40.54
C TRP C 215 6.84 -16.59 41.71
N ARG C 216 6.38 -17.84 41.50
CA ARG C 216 6.35 -18.87 42.55
C ARG C 216 7.77 -19.36 42.82
N VAL C 217 8.53 -18.54 43.55
CA VAL C 217 9.92 -18.78 43.95
C VAL C 217 10.15 -18.12 45.32
N ASN C 218 10.82 -18.85 46.22
CA ASN C 218 11.13 -18.38 47.57
C ASN C 218 12.06 -17.18 47.58
N ASP C 219 13.08 -17.21 46.70
CA ASP C 219 14.09 -16.16 46.57
C ASP C 219 13.99 -15.46 45.20
N HIS C 220 13.77 -14.14 45.20
CA HIS C 220 13.71 -13.36 43.97
C HIS C 220 15.06 -12.67 43.80
N LYS C 221 16.06 -13.45 43.32
CA LYS C 221 17.44 -12.99 43.12
C LYS C 221 17.63 -12.45 41.72
N PHE C 222 18.18 -11.24 41.63
CA PHE C 222 18.45 -10.55 40.38
C PHE C 222 19.93 -10.20 40.26
N THR C 223 20.44 -10.04 39.02
CA THR C 223 21.84 -9.67 38.77
C THR C 223 21.99 -8.15 39.05
N PRO C 224 23.20 -7.63 39.42
CA PRO C 224 23.33 -6.18 39.63
C PRO C 224 22.88 -5.31 38.44
N LEU C 225 23.08 -5.82 37.20
CA LEU C 225 22.67 -5.13 35.97
C LEU C 225 21.14 -5.06 35.88
N LEU C 226 20.45 -6.17 36.19
CA LEU C 226 18.98 -6.25 36.18
C LEU C 226 18.34 -5.32 37.22
N CYS C 227 18.99 -5.16 38.39
CA CYS C 227 18.54 -4.28 39.47
C CYS C 227 18.55 -2.80 39.04
N GLU C 228 19.49 -2.43 38.13
CA GLU C 228 19.59 -1.06 37.61
C GLU C 228 18.52 -0.79 36.55
N ILE C 229 18.13 -1.81 35.80
CA ILE C 229 17.17 -1.74 34.70
C ILE C 229 15.72 -1.95 35.17
N TRP C 230 15.49 -2.85 36.13
CA TRP C 230 14.16 -3.14 36.68
C TRP C 230 13.94 -2.46 38.03
N ASP C 231 12.66 -2.35 38.46
CA ASP C 231 12.30 -1.76 39.75
C ASP C 231 12.20 -2.86 40.82
N VAL C 232 13.28 -3.69 40.91
CA VAL C 232 13.40 -4.84 41.82
C VAL C 232 14.61 -4.74 42.77
N GLN C 233 14.57 -5.48 43.90
CA GLN C 233 15.59 -5.59 44.95
C GLN C 233 15.96 -4.22 45.55
N GLN D 4 28.14 2.96 38.22
CA GLN D 4 26.98 2.49 37.47
C GLN D 4 27.40 1.64 36.27
N LEU D 5 26.71 0.50 36.10
CA LEU D 5 26.90 -0.50 35.05
C LEU D 5 26.36 -0.02 33.71
N LEU D 6 25.27 0.77 33.73
CA LEU D 6 24.69 1.35 32.51
C LEU D 6 25.63 2.38 31.92
N ARG D 7 26.24 3.24 32.78
CA ARG D 7 27.21 4.27 32.39
C ARG D 7 28.44 3.61 31.75
N TYR D 8 28.88 2.44 32.29
CA TYR D 8 30.01 1.69 31.76
C TYR D 8 29.71 1.10 30.39
N LEU D 9 28.53 0.46 30.23
CA LEU D 9 28.13 -0.17 28.96
C LEU D 9 27.93 0.87 27.84
N LEU D 10 27.47 2.08 28.22
CA LEU D 10 27.22 3.21 27.31
C LEU D 10 28.54 3.81 26.81
N ASP D 11 29.52 4.01 27.71
CA ASP D 11 30.83 4.58 27.40
C ASP D 11 31.86 3.47 27.17
N LYS D 12 31.60 2.61 26.16
CA LYS D 12 32.41 1.46 25.73
C LYS D 12 32.83 0.54 26.88
C4 9MS E . -7.56 0.04 -14.58
C5 9MS E . -8.13 1.23 -14.12
C6 9MS E . -9.44 1.20 -13.63
C10 9MS E . -5.23 -0.49 -15.59
C15 9MS E . -3.25 -2.05 -15.12
C17 9MS E . -7.18 -0.50 -21.49
C20 9MS E . -9.25 -1.18 -20.21
C21 9MS E . -8.55 -0.78 -18.88
C22 9MS E . -7.00 -0.87 -18.98
C24 9MS E . -2.42 -2.46 -12.77
C26 9MS E . -4.36 -0.83 -13.22
C28 9MS E . -2.50 3.49 -16.51
C1 9MS E . -10.14 0.00 -13.59
C2 9MS E . -9.49 -1.16 -14.06
C3 9MS E . -8.22 -1.17 -14.56
N7 9MS E . -7.25 2.29 -14.27
C9 9MS E . -6.16 1.77 -14.78
N8 9MS E . -6.26 0.42 -15.01
C11 9MS E . -5.82 -1.21 -16.83
O12 9MS E . -5.78 -2.43 -16.95
N13 9MS E . -6.38 -0.40 -17.75
C16 9MS E . -6.50 -0.06 -20.18
C19 9MS E . -8.70 -0.36 -21.40
C27 9MS E . -4.60 -1.48 -14.59
C23 9MS E . -2.64 -3.07 -14.15
C25 9MS E . -3.72 -1.83 -12.21
C33 9MS E . -4.94 2.55 -15.11
O30 9MS E . -4.76 2.52 -16.51
C14 9MS E . -3.77 3.32 -17.07
C31 9MS E . -1.58 4.32 -17.14
C34 9MS E . -1.94 4.95 -18.31
C32 9MS E . -3.19 4.79 -18.87
C29 9MS E . -4.13 3.96 -18.26
C36 9MS E . -5.50 3.79 -18.87
CL35 9MS E . -0.79 5.99 -19.10
F18 9MS E . -10.17 -2.35 -14.03
C4 9MS F . 9.52 -16.24 26.17
C5 9MS F . 8.35 -15.78 25.58
C6 9MS F . 8.03 -16.17 24.27
C10 9MS F . 10.59 -15.83 28.51
C15 9MS F . 11.38 -17.19 30.55
C17 9MS F . 14.89 -11.71 26.95
C20 9MS F . 14.31 -12.67 24.72
C21 9MS F . 13.07 -13.36 25.33
C22 9MS F . 13.25 -13.63 26.84
C24 9MS F . 10.10 -19.24 31.34
C26 9MS F . 9.26 -17.86 29.33
C28 9MS F . 9.16 -11.83 30.75
C1 9MS F . 8.90 -17.01 23.58
C2 9MS F . 10.06 -17.44 24.23
C3 9MS F . 10.41 -17.08 25.51
N7 9MS F . 7.65 -14.95 26.44
C9 9MS F . 8.37 -14.90 27.54
N8 9MS F . 9.53 -15.66 27.46
C11 9MS F . 11.97 -15.42 27.94
O12 9MS F . 12.95 -16.18 27.99
N13 9MS F . 12.04 -14.18 27.42
C16 9MS F . 13.65 -12.35 27.58
C19 9MS F . 14.67 -11.41 25.49
C27 9MS F . 10.65 -17.23 29.15
C23 9MS F . 11.48 -18.59 31.18
C25 9MS F . 9.33 -19.27 29.99
C33 9MS F . 7.93 -14.10 28.72
O30 9MS F . 8.94 -14.03 29.71
C14 9MS F . 8.76 -13.16 30.79
C31 9MS F . 8.93 -11.02 31.85
C34 9MS F . 8.32 -11.54 32.97
C32 9MS F . 7.91 -12.86 33.01
C29 9MS F . 8.12 -13.70 31.93
C36 9MS F . 7.68 -15.15 31.99
CL35 9MS F . 8.04 -10.52 34.35
F18 9MS F . 10.91 -18.26 23.54
#